data_8HY3
#
_entry.id   8HY3
#
_cell.length_a   273.952
_cell.length_b   273.952
_cell.length_c   273.952
_cell.angle_alpha   90.00
_cell.angle_beta   90.00
_cell.angle_gamma   90.00
#
_symmetry.space_group_name_H-M   'F 41 3 2'
#
loop_
_entity.id
_entity.type
_entity.pdbx_description
1 polymer 'Glutaminyl-peptide cyclotransferase'
2 non-polymer 'ZINC ION'
3 non-polymer 5-methyl-1-(phenylmethyl)imidazole
4 non-polymer 'CARBON DIOXIDE'
5 non-polymer GLYCEROL
6 water water
#
_entity_poly.entity_id   1
_entity_poly.type   'polypeptide(L)'
_entity_poly.pdbx_seq_one_letter_code
;ASAWPEEKNYHQPAILNSSALRQIAEGTSISEMWQNDLQPLLIERYPGSPGSYAARQHIMQRIQRLQADWVLEIDTFLSQ
TPYGYRSFSNIISTLNPTAKRHLVLACHYDSKYFSHWNNRVFVGATDSAVPCAMMLELARALDKKLLSLKTVSDSKPDLS
LQLIFFDGEEAFLHWSPQDSLYGSRHLAAKMASTPHPPGARGTSQLHGMDLLVLLDLIGAPNPTFPNFFPNSARWFERLQ
AIEHELHELGLLKDHSLEGRYFQNYSYGGVIQDDHIPFLRRGVPVLHLIPSPFPEVWHTMDDNEENLDESTIDNLNKILQ
VFVLEYLHL
;
_entity_poly.pdbx_strand_id   A
#
loop_
_chem_comp.id
_chem_comp.type
_chem_comp.name
_chem_comp.formula
4Q8 non-polymer 5-methyl-1-(phenylmethyl)imidazole 'C11 H12 N2'
CO2 non-polymer 'CARBON DIOXIDE' 'C O2'
GOL non-polymer GLYCEROL 'C3 H8 O3'
ZN non-polymer 'ZINC ION' 'Zn 2'
#
# COMPACT_ATOMS: atom_id res chain seq x y z
N ALA A 1 27.62 -10.37 13.00
CA ALA A 1 26.37 -10.98 13.51
C ALA A 1 25.65 -11.80 12.41
N SER A 2 24.45 -11.37 12.05
CA SER A 2 23.70 -12.06 11.03
C SER A 2 23.58 -11.14 9.84
N ALA A 3 23.80 -11.70 8.67
CA ALA A 3 23.78 -10.91 7.46
C ALA A 3 22.56 -11.09 6.60
N TRP A 4 21.56 -11.81 7.07
CA TRP A 4 20.38 -12.01 6.25
C TRP A 4 19.82 -10.68 5.78
N PRO A 5 19.95 -9.65 6.58
CA PRO A 5 19.43 -8.35 6.19
C PRO A 5 19.96 -7.88 4.86
N GLU A 6 20.89 -8.63 4.27
CA GLU A 6 21.46 -8.23 2.98
C GLU A 6 20.83 -8.99 1.82
N GLU A 7 20.07 -10.04 2.13
CA GLU A 7 19.46 -10.84 1.07
C GLU A 7 18.57 -10.01 0.15
N LYS A 8 17.78 -9.10 0.73
CA LYS A 8 16.91 -8.27 -0.09
C LYS A 8 17.73 -7.50 -1.11
N ASN A 9 18.98 -7.26 -0.83
CA ASN A 9 19.81 -6.53 -1.76
C ASN A 9 20.10 -7.28 -3.04
N TYR A 10 20.08 -8.60 -2.96
CA TYR A 10 20.40 -9.50 -4.06
C TYR A 10 19.18 -10.26 -4.58
N HIS A 11 18.03 -10.02 -4.00
CA HIS A 11 16.81 -10.68 -4.45
C HIS A 11 16.43 -10.24 -5.86
N GLN A 12 15.86 -11.20 -6.60
CA GLN A 12 15.60 -11.03 -8.01
C GLN A 12 14.25 -11.66 -8.28
N PRO A 13 13.47 -11.08 -9.20
CA PRO A 13 12.15 -11.63 -9.51
C PRO A 13 12.22 -12.86 -10.38
N ALA A 14 11.09 -13.57 -10.38
CA ALA A 14 10.78 -14.71 -11.22
C ALA A 14 9.75 -14.21 -12.22
N ILE A 15 10.24 -13.67 -13.33
CA ILE A 15 9.37 -13.03 -14.32
C ILE A 15 8.33 -14.00 -14.87
N LEU A 16 7.09 -13.50 -14.97
CA LEU A 16 5.98 -14.28 -15.50
C LEU A 16 5.96 -14.23 -17.03
N ASN A 17 5.42 -15.31 -17.60
CA ASN A 17 5.27 -15.53 -19.04
C ASN A 17 3.90 -15.08 -19.51
N SER A 18 3.70 -14.99 -20.81
CA SER A 18 2.46 -14.39 -21.33
C SER A 18 1.22 -15.14 -20.85
N SER A 19 1.28 -16.46 -20.78
CA SER A 19 0.13 -17.23 -20.33
C SER A 19 -0.29 -16.85 -18.91
N ALA A 20 0.71 -16.71 -18.00
CA ALA A 20 0.45 -16.35 -16.60
C ALA A 20 -0.07 -14.92 -16.47
N LEU A 21 0.49 -13.98 -17.22
CA LEU A 21 -0.03 -12.60 -17.24
C LEU A 21 -1.54 -12.58 -17.53
N ARG A 22 -1.92 -13.28 -18.58
CA ARG A 22 -3.31 -13.40 -18.95
C ARG A 22 -4.12 -13.90 -17.77
N GLN A 23 -3.60 -14.91 -17.12
CA GLN A 23 -4.27 -15.51 -15.98
C GLN A 23 -4.54 -14.46 -14.93
N ILE A 24 -3.48 -13.77 -14.54
CA ILE A 24 -3.59 -12.71 -13.54
C ILE A 24 -4.60 -11.65 -13.99
N ALA A 25 -4.49 -11.20 -15.24
CA ALA A 25 -5.42 -10.19 -15.74
C ALA A 25 -6.86 -10.66 -15.63
N GLU A 26 -7.08 -11.95 -15.90
CA GLU A 26 -8.41 -12.53 -15.80
C GLU A 26 -8.85 -12.66 -14.35
N GLY A 27 -7.87 -12.84 -13.44
CA GLY A 27 -8.16 -13.19 -12.07
C GLY A 27 -8.67 -12.10 -11.15
N THR A 28 -8.74 -10.85 -11.61
CA THR A 28 -9.09 -9.72 -10.75
C THR A 28 -10.33 -9.03 -11.31
N SER A 29 -11.33 -8.78 -10.44
CA SER A 29 -12.57 -8.13 -10.85
C SER A 29 -12.61 -6.71 -10.30
N ILE A 30 -12.56 -5.73 -11.19
CA ILE A 30 -12.63 -4.37 -10.71
C ILE A 30 -13.99 -4.12 -10.08
N SER A 31 -15.06 -4.71 -10.63
CA SER A 31 -16.38 -4.36 -10.14
C SER A 31 -16.70 -5.03 -8.80
N GLU A 32 -16.10 -6.19 -8.51
CA GLU A 32 -16.25 -6.79 -7.19
C GLU A 32 -15.43 -6.02 -6.14
N MET A 33 -14.22 -5.59 -6.51
CA MET A 33 -13.50 -4.67 -5.65
C MET A 33 -14.34 -3.45 -5.32
N TRP A 34 -15.02 -2.88 -6.32
CA TRP A 34 -15.71 -1.62 -6.09
C TRP A 34 -16.87 -1.78 -5.12
N GLN A 35 -17.53 -2.94 -5.16
CA GLN A 35 -18.71 -3.17 -4.35
C GLN A 35 -18.35 -3.70 -2.96
N ASN A 36 -17.48 -4.69 -2.91
CA ASN A 36 -17.15 -5.31 -1.65
C ASN A 36 -15.99 -4.78 -0.85
N ASP A 37 -14.99 -4.21 -1.50
CA ASP A 37 -13.83 -3.64 -0.81
C ASP A 37 -13.85 -2.11 -0.75
N LEU A 38 -14.24 -1.42 -1.82
CA LEU A 38 -14.09 0.02 -1.88
C LEU A 38 -15.25 0.79 -1.26
N GLN A 39 -16.50 0.49 -1.65
CA GLN A 39 -17.59 1.37 -1.24
C GLN A 39 -17.76 1.45 0.26
N PRO A 40 -17.65 0.35 1.02
CA PRO A 40 -17.76 0.46 2.48
C PRO A 40 -16.73 1.38 3.11
N LEU A 41 -15.65 1.74 2.40
CA LEU A 41 -14.64 2.62 2.98
C LEU A 41 -14.86 4.09 2.66
N LEU A 42 -15.80 4.42 1.78
CA LEU A 42 -16.03 5.82 1.40
C LEU A 42 -16.89 6.52 2.45
N ILE A 43 -16.36 6.53 3.67
CA ILE A 43 -16.99 7.18 4.79
C ILE A 43 -15.95 8.11 5.43
N GLU A 44 -16.42 8.95 6.34
CA GLU A 44 -15.55 9.83 7.12
C GLU A 44 -14.88 8.88 8.10
N ARG A 45 -13.57 8.87 8.16
CA ARG A 45 -12.87 7.87 8.98
C ARG A 45 -11.57 8.45 9.51
N TYR A 46 -11.64 9.67 10.00
CA TYR A 46 -10.49 10.26 10.64
C TYR A 46 -10.28 9.56 11.99
N PRO A 47 -9.06 9.56 12.50
CA PRO A 47 -8.75 8.78 13.71
C PRO A 47 -9.69 9.09 14.88
N GLY A 48 -10.22 8.02 15.49
CA GLY A 48 -11.09 8.12 16.64
C GLY A 48 -12.56 8.30 16.30
N SER A 49 -12.88 8.39 15.03
CA SER A 49 -14.24 8.59 14.62
C SER A 49 -14.93 7.24 14.56
N PRO A 50 -16.26 7.25 14.54
CA PRO A 50 -16.97 5.98 14.34
C PRO A 50 -16.59 5.30 13.05
N GLY A 51 -16.52 6.07 11.95
CA GLY A 51 -16.08 5.53 10.66
C GLY A 51 -14.70 4.87 10.69
N SER A 52 -13.76 5.39 11.48
CA SER A 52 -12.46 4.71 11.66
C SER A 52 -12.64 3.28 12.16
N TYR A 53 -13.38 3.11 13.26
CA TYR A 53 -13.66 1.76 13.76
C TYR A 53 -14.38 0.91 12.70
N ALA A 54 -15.41 1.47 12.04
CA ALA A 54 -16.04 0.77 10.92
C ALA A 54 -15.02 0.35 9.86
N ALA A 55 -14.26 1.32 9.33
CA ALA A 55 -13.29 0.97 8.31
C ALA A 55 -12.37 -0.11 8.84
N ARG A 56 -11.92 0.03 10.07
CA ARG A 56 -11.06 -0.98 10.67
C ARG A 56 -11.75 -2.36 10.72
N GLN A 57 -13.05 -2.41 11.04
CA GLN A 57 -13.74 -3.70 11.09
C GLN A 57 -13.89 -4.31 9.69
N HIS A 58 -14.17 -3.47 8.71
CA HIS A 58 -14.36 -3.96 7.36
C HIS A 58 -13.07 -4.52 6.77
N ILE A 59 -11.93 -3.88 7.05
CA ILE A 59 -10.67 -4.39 6.49
C ILE A 59 -10.34 -5.76 7.06
N MET A 60 -10.53 -5.93 8.38
CA MET A 60 -10.24 -7.20 9.06
C MET A 60 -11.20 -8.29 8.62
N GLN A 61 -12.46 -7.94 8.36
CA GLN A 61 -13.45 -8.94 7.96
C GLN A 61 -13.17 -9.47 6.57
N ARG A 62 -13.03 -8.56 5.60
CA ARG A 62 -12.67 -8.96 4.23
C ARG A 62 -11.41 -9.81 4.20
N ILE A 63 -10.39 -9.45 4.99
CA ILE A 63 -9.16 -10.25 5.05
C ILE A 63 -9.43 -11.61 5.66
N GLN A 64 -10.44 -11.71 6.55
CA GLN A 64 -10.67 -12.93 7.32
C GLN A 64 -11.30 -14.04 6.47
N ARG A 65 -12.20 -13.67 5.58
CA ARG A 65 -12.89 -14.65 4.74
C ARG A 65 -11.97 -15.37 3.77
N LEU A 66 -10.68 -15.08 3.76
CA LEU A 66 -9.82 -15.63 2.73
C LEU A 66 -9.13 -16.86 3.27
N GLN A 67 -8.73 -17.73 2.34
CA GLN A 67 -8.19 -19.02 2.73
C GLN A 67 -6.77 -18.89 3.25
N ALA A 68 -5.98 -17.99 2.68
CA ALA A 68 -4.61 -17.87 3.14
C ALA A 68 -4.62 -17.49 4.62
N ASP A 69 -3.54 -17.83 5.31
CA ASP A 69 -3.57 -17.75 6.77
C ASP A 69 -3.01 -16.40 7.23
N TRP A 70 -3.86 -15.38 7.11
CA TRP A 70 -3.48 -14.05 7.54
C TRP A 70 -3.58 -13.95 9.07
N VAL A 71 -2.49 -13.51 9.68
CA VAL A 71 -2.47 -13.10 11.08
C VAL A 71 -2.69 -11.60 11.15
N LEU A 72 -3.67 -11.20 11.92
CA LEU A 72 -3.94 -9.82 12.10
C LEU A 72 -3.69 -9.27 13.48
N GLU A 73 -2.84 -8.27 13.58
CA GLU A 73 -2.67 -7.56 14.84
C GLU A 73 -3.16 -6.11 14.69
N ILE A 74 -3.84 -5.61 15.71
CA ILE A 74 -4.21 -4.19 15.82
C ILE A 74 -3.17 -3.51 16.71
N ASP A 75 -2.28 -2.72 16.10
CA ASP A 75 -1.19 -2.05 16.82
C ASP A 75 -1.76 -0.72 17.33
N THR A 76 -2.25 -0.73 18.56
CA THR A 76 -2.94 0.43 19.13
C THR A 76 -2.03 1.19 20.06
N PHE A 77 -2.10 2.50 19.97
CA PHE A 77 -1.11 3.31 20.63
C PHE A 77 -1.74 4.66 20.89
N LEU A 78 -1.04 5.46 21.67
CA LEU A 78 -1.53 6.76 22.08
C LEU A 78 -0.53 7.78 21.59
N SER A 79 -1.01 8.93 21.10
CA SER A 79 -0.05 9.94 20.76
C SER A 79 -0.70 11.30 20.91
N GLN A 80 0.16 12.25 21.18
CA GLN A 80 -0.20 13.65 21.35
C GLN A 80 -0.53 14.25 19.98
N THR A 81 -1.56 15.11 19.95
CA THR A 81 -1.93 15.82 18.73
C THR A 81 -2.22 17.27 19.07
N PRO A 82 -2.40 18.14 18.07
CA PRO A 82 -2.85 19.52 18.32
C PRO A 82 -4.14 19.64 19.15
N TYR A 83 -4.96 18.58 19.20
CA TYR A 83 -6.18 18.56 19.99
C TYR A 83 -6.06 17.69 21.24
N GLY A 84 -4.85 17.29 21.64
CA GLY A 84 -4.66 16.49 22.84
C GLY A 84 -4.27 15.08 22.49
N TYR A 85 -4.23 14.24 23.52
CA TYR A 85 -3.95 12.84 23.26
C TYR A 85 -5.13 12.22 22.53
N ARG A 86 -4.80 11.24 21.72
CA ARG A 86 -5.78 10.52 20.94
C ARG A 86 -5.29 9.12 20.75
N SER A 87 -6.20 8.21 20.49
CA SER A 87 -5.85 6.83 20.27
C SER A 87 -5.94 6.48 18.80
N PHE A 88 -4.94 5.74 18.31
CA PHE A 88 -4.81 5.34 16.91
C PHE A 88 -4.62 3.83 16.82
N SER A 89 -4.98 3.27 15.68
CA SER A 89 -4.81 1.87 15.46
C SER A 89 -4.43 1.39 14.06
N ASN A 90 -3.17 1.03 13.88
CA ASN A 90 -2.72 0.49 12.64
C ASN A 90 -3.22 -0.93 12.48
N ILE A 91 -3.48 -1.36 11.26
CA ILE A 91 -3.89 -2.73 10.97
C ILE A 91 -2.71 -3.42 10.27
N ILE A 92 -2.28 -4.58 10.81
CA ILE A 92 -1.16 -5.33 10.24
C ILE A 92 -1.62 -6.75 9.97
N SER A 93 -1.38 -7.22 8.75
CA SER A 93 -1.89 -8.50 8.25
C SER A 93 -0.72 -9.25 7.64
N THR A 94 -0.32 -10.31 8.28
CA THR A 94 0.83 -10.99 7.82
C THR A 94 0.78 -12.45 7.56
N LEU A 95 1.30 -12.85 6.42
CA LEU A 95 1.47 -14.27 6.12
C LEU A 95 2.85 -14.72 6.60
N ASN A 96 2.86 -15.82 7.33
CA ASN A 96 4.07 -16.37 7.90
C ASN A 96 4.81 -15.34 8.72
N PRO A 97 4.31 -15.05 9.92
CA PRO A 97 4.96 -14.00 10.74
C PRO A 97 6.35 -14.38 11.26
N THR A 98 6.69 -15.65 11.13
CA THR A 98 7.95 -16.26 11.55
C THR A 98 9.09 -16.01 10.54
N ALA A 99 8.79 -15.91 9.23
CA ALA A 99 9.80 -15.77 8.19
C ALA A 99 10.64 -14.50 8.37
N LYS A 100 11.91 -14.58 8.07
CA LYS A 100 12.77 -13.43 8.26
C LYS A 100 12.41 -12.23 7.40
N ARG A 101 12.03 -12.48 6.17
CA ARG A 101 11.80 -11.41 5.21
C ARG A 101 10.33 -11.38 4.82
N HIS A 102 9.89 -10.17 4.54
CA HIS A 102 8.57 -9.95 4.05
C HIS A 102 8.51 -8.79 3.08
N LEU A 103 7.81 -8.99 1.98
CA LEU A 103 7.47 -7.90 1.08
C LEU A 103 6.27 -7.19 1.69
N VAL A 104 6.35 -5.87 1.78
CA VAL A 104 5.32 -5.09 2.48
C VAL A 104 4.56 -4.25 1.47
N LEU A 105 3.24 -4.38 1.49
CA LEU A 105 2.32 -3.49 0.80
C LEU A 105 1.61 -2.66 1.85
N ALA A 106 1.43 -1.38 1.59
CA ALA A 106 0.73 -0.59 2.54
C ALA A 106 0.15 0.69 2.02
N CYS A 107 -0.69 1.27 2.86
CA CYS A 107 -1.30 2.55 2.62
C CYS A 107 -1.90 3.08 3.89
N HIS A 108 -2.45 4.28 3.87
CA HIS A 108 -3.15 4.78 5.05
C HIS A 108 -4.67 4.63 4.90
N TYR A 109 -5.35 4.25 6.00
CA TYR A 109 -6.79 4.08 5.96
C TYR A 109 -7.56 5.16 6.69
N ASP A 110 -6.88 6.13 7.30
CA ASP A 110 -7.60 7.28 7.81
C ASP A 110 -7.90 8.27 6.69
N SER A 111 -8.92 9.08 6.91
CA SER A 111 -9.27 10.18 6.02
C SER A 111 -8.97 11.46 6.76
N LYS A 112 -8.47 12.45 6.03
CA LYS A 112 -8.10 13.68 6.69
C LYS A 112 -9.30 14.30 7.38
N TYR A 113 -9.08 14.79 8.59
CA TYR A 113 -10.15 15.41 9.35
C TYR A 113 -10.46 16.82 8.82
N PHE A 114 -11.75 17.01 8.60
CA PHE A 114 -12.31 18.23 8.09
C PHE A 114 -13.77 18.30 8.48
N SER A 115 -14.17 19.28 9.23
CA SER A 115 -15.60 19.47 9.49
C SER A 115 -16.40 19.64 8.20
N HIS A 116 -17.71 19.44 8.29
CA HIS A 116 -18.60 19.57 7.14
C HIS A 116 -18.37 20.91 6.45
N TRP A 117 -18.21 20.86 5.12
CA TRP A 117 -17.97 22.07 4.34
C TRP A 117 -19.04 22.12 3.26
N ASN A 118 -19.88 23.13 3.30
CA ASN A 118 -20.98 23.18 2.38
C ASN A 118 -21.81 21.93 2.53
N ASN A 119 -21.91 21.44 3.74
CA ASN A 119 -22.70 20.24 3.95
C ASN A 119 -22.18 19.00 3.26
N ARG A 120 -20.90 19.02 2.91
CA ARG A 120 -20.21 17.87 2.33
C ARG A 120 -19.22 17.28 3.33
N VAL A 121 -18.84 16.02 3.09
CA VAL A 121 -18.01 15.24 4.02
C VAL A 121 -16.81 14.69 3.25
N PHE A 122 -15.60 14.95 3.77
CA PHE A 122 -14.38 14.49 3.10
C PHE A 122 -14.21 13.00 3.34
N VAL A 123 -14.07 12.23 2.25
CA VAL A 123 -13.91 10.78 2.33
C VAL A 123 -12.64 10.28 1.66
N GLY A 124 -11.84 11.16 1.11
CA GLY A 124 -10.59 10.78 0.49
C GLY A 124 -10.61 9.49 -0.26
N ALA A 125 -11.23 9.51 -1.42
CA ALA A 125 -11.32 8.31 -2.25
C ALA A 125 -9.97 7.85 -2.73
N THR A 126 -9.16 8.78 -3.21
CA THR A 126 -7.85 8.42 -3.67
C THR A 126 -6.87 8.42 -2.54
N ASP A 127 -7.24 9.07 -1.44
CA ASP A 127 -6.37 9.23 -0.31
C ASP A 127 -6.95 8.78 1.01
N SER A 128 -6.99 7.49 1.28
CA SER A 128 -6.49 6.47 0.38
C SER A 128 -7.40 5.27 0.37
N ALA A 129 -8.67 5.52 0.18
CA ALA A 129 -9.66 4.46 0.15
C ALA A 129 -9.42 3.50 -0.99
N VAL A 130 -9.07 4.03 -2.14
CA VAL A 130 -8.80 3.17 -3.29
C VAL A 130 -7.56 2.32 -3.04
N PRO A 131 -6.42 2.88 -2.61
CA PRO A 131 -5.29 2.00 -2.25
C PRO A 131 -5.63 0.91 -1.25
N CYS A 132 -6.52 1.21 -0.33
CA CYS A 132 -6.98 0.21 0.59
C CYS A 132 -7.68 -0.90 -0.17
N ALA A 133 -8.60 -0.52 -1.04
CA ALA A 133 -9.37 -1.51 -1.80
C ALA A 133 -8.45 -2.32 -2.71
N MET A 134 -7.44 -1.70 -3.30
CA MET A 134 -6.53 -2.45 -4.16
C MET A 134 -5.78 -3.48 -3.35
N MET A 135 -5.48 -3.17 -2.09
CA MET A 135 -4.78 -4.15 -1.26
C MET A 135 -5.68 -5.33 -0.93
N LEU A 136 -6.94 -5.05 -0.58
CA LEU A 136 -7.88 -6.14 -0.30
C LEU A 136 -8.09 -7.01 -1.54
N GLU A 137 -8.33 -6.39 -2.70
CA GLU A 137 -8.47 -7.12 -3.96
C GLU A 137 -7.24 -7.96 -4.28
N LEU A 138 -6.02 -7.39 -4.18
CA LEU A 138 -4.82 -8.17 -4.46
C LEU A 138 -4.79 -9.46 -3.64
N ALA A 139 -5.32 -9.41 -2.42
CA ALA A 139 -5.27 -10.56 -1.52
C ALA A 139 -6.33 -11.58 -1.86
N ARG A 140 -7.46 -11.09 -2.33
CA ARG A 140 -8.47 -11.99 -2.76
C ARG A 140 -8.04 -12.62 -4.07
N ALA A 141 -7.66 -11.80 -5.04
CA ALA A 141 -7.33 -12.31 -6.36
C ALA A 141 -6.18 -13.30 -6.32
N LEU A 142 -5.24 -13.13 -5.40
CA LEU A 142 -4.10 -14.02 -5.31
C LEU A 142 -4.25 -15.03 -4.17
N ASP A 143 -5.47 -15.18 -3.62
CA ASP A 143 -5.68 -16.00 -2.42
C ASP A 143 -5.01 -17.37 -2.59
N LYS A 144 -5.44 -18.13 -3.61
CA LYS A 144 -4.94 -19.49 -3.84
C LYS A 144 -3.42 -19.50 -3.99
N LYS A 145 -2.87 -18.62 -4.83
CA LYS A 145 -1.42 -18.63 -5.00
C LYS A 145 -0.70 -18.30 -3.69
N LEU A 146 -1.28 -17.44 -2.84
CA LEU A 146 -0.61 -17.11 -1.58
C LEU A 146 -0.75 -18.22 -0.54
N LEU A 147 -1.81 -18.98 -0.64
CA LEU A 147 -2.02 -20.10 0.24
C LEU A 147 -0.85 -21.05 0.13
N SER A 148 -0.15 -20.98 -0.98
CA SER A 148 0.96 -21.87 -1.21
C SER A 148 2.11 -21.63 -0.28
N LEU A 149 2.03 -20.58 0.51
CA LEU A 149 3.12 -20.28 1.42
C LEU A 149 3.01 -20.99 2.76
N LYS A 150 2.05 -21.90 2.84
CA LYS A 150 1.76 -22.72 4.02
C LYS A 150 0.63 -22.13 4.83
N PRO A 157 13.79 -19.60 -0.49
CA PRO A 157 13.90 -18.23 0.03
C PRO A 157 12.86 -17.97 1.12
N ASP A 158 13.28 -17.46 2.28
CA ASP A 158 12.39 -17.31 3.45
C ASP A 158 11.75 -15.91 3.41
N LEU A 159 10.71 -15.79 2.59
CA LEU A 159 10.11 -14.51 2.25
C LEU A 159 8.61 -14.70 2.12
N SER A 160 7.83 -13.81 2.73
CA SER A 160 6.39 -13.83 2.52
C SER A 160 5.87 -12.39 2.40
N LEU A 161 4.56 -12.23 2.48
CA LEU A 161 3.87 -10.97 2.21
C LEU A 161 3.26 -10.40 3.49
N GLN A 162 3.39 -9.08 3.67
CA GLN A 162 2.71 -8.36 4.75
C GLN A 162 1.91 -7.19 4.19
N LEU A 163 0.70 -6.96 4.73
CA LEU A 163 -0.08 -5.75 4.49
C LEU A 163 -0.07 -4.85 5.73
N ILE A 164 0.13 -3.54 5.53
CA ILE A 164 0.02 -2.55 6.61
C ILE A 164 -0.97 -1.47 6.16
N PHE A 165 -2.01 -1.25 6.97
CA PHE A 165 -2.93 -0.12 6.79
C PHE A 165 -2.68 0.85 7.93
N PHE A 166 -1.96 1.93 7.65
CA PHE A 166 -1.56 2.84 8.69
C PHE A 166 -2.75 3.67 9.11
N ASP A 167 -2.83 3.96 10.41
CA ASP A 167 -3.75 4.95 10.94
C ASP A 167 -2.99 6.25 11.07
N GLY A 168 -3.72 7.36 10.99
CA GLY A 168 -3.18 8.67 11.33
C GLY A 168 -2.11 9.22 10.41
N GLU A 169 -2.12 8.86 9.13
CA GLU A 169 -1.15 9.46 8.20
C GLU A 169 -1.33 10.97 8.12
N GLU A 170 -2.58 11.44 8.15
CA GLU A 170 -2.83 12.85 7.90
C GLU A 170 -2.66 13.68 9.16
N ALA A 171 -2.36 14.96 8.92
CA ALA A 171 -2.31 15.95 9.97
C ALA A 171 -3.73 16.28 10.43
N PHE A 172 -3.87 16.51 11.75
CA PHE A 172 -5.13 16.95 12.32
C PHE A 172 -5.37 18.43 12.09
N LEU A 173 -4.31 19.23 12.04
CA LEU A 173 -4.48 20.68 12.00
C LEU A 173 -3.55 21.36 10.99
N HIS A 174 -2.29 20.93 10.90
CA HIS A 174 -1.29 21.60 10.08
C HIS A 174 -0.11 20.65 9.90
N TRP A 175 0.16 20.23 8.66
CA TRP A 175 1.21 19.24 8.44
C TRP A 175 2.52 19.69 9.07
N SER A 176 3.10 18.79 9.85
CA SER A 176 4.37 19.08 10.50
C SER A 176 4.94 17.77 10.99
N PRO A 177 6.18 17.76 11.44
CA PRO A 177 6.76 16.52 11.97
C PRO A 177 6.02 15.96 13.17
N GLN A 178 5.40 16.83 13.99
CA GLN A 178 4.66 16.32 15.14
C GLN A 178 3.18 16.17 14.85
N ASP A 179 2.65 16.75 13.77
CA ASP A 179 1.25 16.51 13.39
C ASP A 179 1.24 15.88 11.99
N SER A 180 1.48 14.57 11.94
CA SER A 180 1.50 13.80 10.69
C SER A 180 2.07 12.44 10.99
N LEU A 181 1.76 11.46 10.16
CA LEU A 181 2.49 10.18 10.14
C LEU A 181 2.51 9.54 11.52
N TYR A 182 1.41 9.75 12.26
CA TYR A 182 1.27 9.16 13.59
C TYR A 182 1.47 7.67 13.57
N GLY A 183 0.76 6.94 12.72
CA GLY A 183 0.82 5.49 12.77
C GLY A 183 2.12 4.92 12.24
N SER A 184 2.70 5.60 11.25
CA SER A 184 3.94 5.10 10.68
C SER A 184 5.16 5.48 11.54
N ARG A 185 5.14 6.64 12.18
CA ARG A 185 6.22 7.00 13.06
C ARG A 185 6.24 6.01 14.21
N HIS A 186 5.07 5.65 14.72
CA HIS A 186 4.98 4.65 15.78
C HIS A 186 5.45 3.28 15.31
N LEU A 187 4.96 2.79 14.16
CA LEU A 187 5.25 1.40 13.81
C LEU A 187 6.70 1.22 13.35
N ALA A 188 7.30 2.23 12.71
CA ALA A 188 8.72 2.15 12.36
C ALA A 188 9.61 2.08 13.59
N ALA A 189 9.30 2.86 14.65
CA ALA A 189 10.15 2.82 15.86
C ALA A 189 9.92 1.51 16.63
N LYS A 190 8.73 0.98 16.56
CA LYS A 190 8.44 -0.29 17.19
C LYS A 190 9.17 -1.42 16.49
N MET A 191 9.12 -1.48 15.17
CA MET A 191 9.77 -2.57 14.44
C MET A 191 11.28 -2.48 14.56
N ALA A 192 11.83 -1.26 14.52
CA ALA A 192 13.27 -1.04 14.61
C ALA A 192 13.86 -1.55 15.93
N SER A 193 13.00 -1.75 16.95
CA SER A 193 13.42 -2.26 18.25
C SER A 193 12.67 -3.52 18.67
N THR A 194 12.05 -4.25 17.73
CA THR A 194 11.55 -5.60 18.03
C THR A 194 12.47 -6.63 17.37
N PRO A 195 13.09 -7.55 18.13
CA PRO A 195 13.96 -8.54 17.48
C PRO A 195 13.19 -9.38 16.48
N HIS A 196 13.86 -9.70 15.36
CA HIS A 196 13.28 -10.55 14.33
C HIS A 196 14.40 -11.34 13.64
N PRO A 197 14.14 -12.64 13.37
CA PRO A 197 12.96 -13.46 13.78
C PRO A 197 12.92 -13.71 15.30
N PRO A 198 11.87 -14.33 15.81
CA PRO A 198 11.81 -14.64 17.24
C PRO A 198 13.13 -15.21 17.74
N GLY A 199 13.63 -14.66 18.85
CA GLY A 199 14.87 -15.12 19.42
C GLY A 199 16.13 -14.47 18.90
N ALA A 200 16.03 -13.53 17.96
CA ALA A 200 17.24 -13.00 17.38
C ALA A 200 17.92 -12.03 18.35
N ARG A 201 19.22 -11.98 18.26
CA ARG A 201 19.97 -11.13 19.12
C ARG A 201 20.54 -9.92 18.47
N GLY A 202 20.41 -9.77 17.16
CA GLY A 202 21.08 -8.67 16.48
C GLY A 202 20.32 -8.05 15.32
N THR A 203 19.08 -8.49 15.09
CA THR A 203 18.31 -8.09 13.91
C THR A 203 16.86 -7.82 14.28
N SER A 204 16.23 -6.91 13.53
CA SER A 204 14.94 -6.35 13.88
C SER A 204 13.92 -6.67 12.81
N GLN A 205 12.64 -6.40 13.12
CA GLN A 205 11.59 -6.54 12.12
C GLN A 205 11.79 -5.56 10.99
N LEU A 206 12.26 -4.35 11.34
CA LEU A 206 12.56 -3.34 10.34
C LEU A 206 13.53 -3.87 9.26
N HIS A 207 14.59 -4.56 9.67
CA HIS A 207 15.44 -5.30 8.74
C HIS A 207 14.66 -6.30 7.89
N GLY A 208 13.67 -6.98 8.48
CA GLY A 208 12.93 -7.99 7.70
C GLY A 208 12.06 -7.42 6.58
N MET A 209 11.89 -6.10 6.52
CA MET A 209 11.06 -5.46 5.50
C MET A 209 11.85 -5.47 4.21
N ASP A 210 11.53 -6.43 3.31
CA ASP A 210 12.29 -6.57 2.07
C ASP A 210 12.21 -5.34 1.21
N LEU A 211 11.01 -4.78 1.12
CA LEU A 211 10.74 -3.61 0.31
C LEU A 211 9.36 -3.11 0.76
N LEU A 212 9.25 -1.80 0.93
CA LEU A 212 8.00 -1.18 1.37
C LEU A 212 7.34 -0.54 0.14
N VAL A 213 6.22 -1.11 -0.30
CA VAL A 213 5.48 -0.62 -1.47
C VAL A 213 4.31 0.17 -0.94
N LEU A 214 4.48 1.49 -0.97
CA LEU A 214 3.49 2.39 -0.40
C LEU A 214 2.61 2.99 -1.50
N LEU A 215 1.30 2.69 -1.42
CA LEU A 215 0.31 3.24 -2.35
C LEU A 215 -0.41 4.41 -1.72
N ASP A 216 -0.51 5.52 -2.47
CA ASP A 216 -1.17 6.72 -1.98
C ASP A 216 -1.62 7.55 -3.17
N LEU A 217 -2.84 8.12 -3.10
CA LEU A 217 -3.29 9.08 -4.10
C LEU A 217 -3.54 8.42 -5.46
N ILE A 218 -4.09 7.20 -5.44
CA ILE A 218 -4.37 6.42 -6.63
C ILE A 218 -5.87 6.41 -6.84
N GLY A 219 -6.27 6.54 -8.10
CA GLY A 219 -7.68 6.56 -8.42
C GLY A 219 -8.07 7.59 -9.47
N ALA A 220 -7.27 8.66 -9.65
CA ALA A 220 -7.53 9.66 -10.68
C ALA A 220 -7.05 9.14 -12.02
N PRO A 221 -7.57 9.72 -13.12
CA PRO A 221 -7.08 9.35 -14.46
C PRO A 221 -5.71 9.92 -14.76
N ASN A 222 -4.97 9.22 -15.60
CA ASN A 222 -3.68 9.66 -16.02
C ASN A 222 -2.60 9.92 -14.96
N PRO A 223 -2.47 9.07 -13.97
CA PRO A 223 -1.38 9.29 -13.02
C PRO A 223 -0.07 9.08 -13.72
N THR A 224 0.96 9.78 -13.23
CA THR A 224 2.34 9.60 -13.66
C THR A 224 3.12 9.39 -12.37
N PHE A 225 3.68 8.20 -12.20
CA PHE A 225 4.45 7.87 -11.02
C PHE A 225 5.92 8.13 -11.30
N PRO A 226 6.60 8.98 -10.55
CA PRO A 226 8.03 9.11 -10.70
C PRO A 226 8.74 7.97 -9.98
N ASN A 227 10.00 7.76 -10.35
CA ASN A 227 10.86 6.80 -9.68
C ASN A 227 11.59 7.68 -8.71
N PHE A 228 11.41 7.45 -7.43
CA PHE A 228 11.99 8.34 -6.47
C PHE A 228 13.33 8.00 -5.86
N PHE A 229 13.66 6.74 -5.77
CA PHE A 229 14.88 6.37 -5.11
C PHE A 229 15.87 5.58 -5.91
N PRO A 230 17.11 6.03 -5.89
CA PRO A 230 18.15 5.32 -6.66
C PRO A 230 18.33 3.85 -6.35
N ASN A 231 17.94 3.43 -5.15
CA ASN A 231 18.11 2.06 -4.71
C ASN A 231 16.96 1.10 -4.85
N SER A 232 15.79 1.60 -5.21
CA SER A 232 14.65 0.74 -5.55
C SER A 232 14.33 0.89 -7.04
N ALA A 233 15.19 1.62 -7.77
CA ALA A 233 14.95 1.94 -9.17
C ALA A 233 14.73 0.68 -10.01
N ARG A 234 15.45 -0.40 -9.70
CA ARG A 234 15.29 -1.63 -10.47
C ARG A 234 13.91 -2.23 -10.32
N TRP A 235 13.29 -2.09 -9.13
CA TRP A 235 11.93 -2.59 -8.96
C TRP A 235 10.93 -1.68 -9.64
N PHE A 236 11.20 -0.36 -9.67
CA PHE A 236 10.40 0.54 -10.48
C PHE A 236 10.45 0.12 -11.94
N GLU A 237 11.63 -0.31 -12.42
CA GLU A 237 11.77 -0.74 -13.81
C GLU A 237 10.94 -1.98 -14.11
N ARG A 238 10.78 -2.88 -13.12
CA ARG A 238 9.87 -4.01 -13.32
C ARG A 238 8.44 -3.53 -13.51
N LEU A 239 8.02 -2.52 -12.76
CA LEU A 239 6.67 -1.99 -12.97
C LEU A 239 6.52 -1.43 -14.38
N GLN A 240 7.51 -0.67 -14.86
CA GLN A 240 7.54 -0.21 -16.25
C GLN A 240 7.38 -1.38 -17.23
N ALA A 241 8.25 -2.40 -17.09
CA ALA A 241 8.22 -3.58 -17.95
C ALA A 241 6.87 -4.27 -17.93
N ILE A 242 6.28 -4.43 -16.75
CA ILE A 242 4.99 -5.12 -16.64
C ILE A 242 3.89 -4.29 -17.27
N GLU A 243 3.92 -2.97 -17.07
CA GLU A 243 2.92 -2.14 -17.75
C GLU A 243 2.98 -2.34 -19.25
N HIS A 244 4.18 -2.25 -19.80
CA HIS A 244 4.41 -2.39 -21.23
C HIS A 244 3.87 -3.71 -21.78
N GLU A 245 4.28 -4.83 -21.18
CA GLU A 245 3.86 -6.12 -21.70
C GLU A 245 2.36 -6.31 -21.60
N LEU A 246 1.76 -5.98 -20.46
CA LEU A 246 0.30 -6.07 -20.38
C LEU A 246 -0.40 -5.21 -21.44
N HIS A 247 0.20 -4.10 -21.83
CA HIS A 247 -0.39 -3.29 -22.87
C HIS A 247 -0.26 -4.00 -24.22
N GLU A 248 0.94 -4.48 -24.53
CA GLU A 248 1.18 -5.19 -25.79
C GLU A 248 0.31 -6.43 -25.91
N LEU A 249 0.07 -7.14 -24.81
CA LEU A 249 -0.81 -8.31 -24.82
C LEU A 249 -2.31 -7.95 -24.80
N GLY A 250 -2.68 -6.70 -25.03
CA GLY A 250 -4.09 -6.37 -25.00
C GLY A 250 -4.78 -6.55 -23.67
N LEU A 251 -4.01 -6.57 -22.57
CA LEU A 251 -4.59 -6.89 -21.25
C LEU A 251 -4.99 -5.66 -20.43
N LEU A 252 -4.71 -4.46 -20.89
CA LEU A 252 -5.09 -3.24 -20.22
C LEU A 252 -6.20 -2.55 -21.00
N LYS A 253 -7.01 -1.74 -20.30
CA LYS A 253 -8.15 -1.04 -20.89
C LYS A 253 -7.94 0.47 -20.90
N ASP A 254 -8.33 1.09 -22.03
CA ASP A 254 -8.26 2.53 -22.25
C ASP A 254 -6.90 3.08 -21.89
N HIS A 255 -5.87 2.39 -22.36
CA HIS A 255 -4.50 2.65 -21.96
C HIS A 255 -3.64 2.82 -23.21
N SER A 256 -2.86 3.88 -23.25
CA SER A 256 -1.94 4.12 -24.34
C SER A 256 -0.50 4.19 -23.82
N LEU A 257 0.45 3.72 -24.62
CA LEU A 257 1.84 3.85 -24.22
C LEU A 257 2.27 5.30 -24.22
N GLU A 258 1.51 6.15 -24.88
CA GLU A 258 1.81 7.58 -24.85
C GLU A 258 1.47 8.16 -23.49
N GLY A 259 0.49 7.59 -22.81
CA GLY A 259 0.15 8.02 -21.46
C GLY A 259 0.37 6.95 -20.42
N ARG A 260 1.55 6.35 -20.37
CA ARG A 260 1.78 5.28 -19.41
C ARG A 260 2.01 5.78 -18.01
N TYR A 261 1.69 4.93 -17.06
CA TYR A 261 1.76 5.30 -15.64
C TYR A 261 3.19 5.42 -15.14
N PHE A 262 4.04 4.47 -15.48
CA PHE A 262 5.37 4.43 -14.90
C PHE A 262 6.31 5.08 -15.89
N GLN A 263 6.49 6.38 -15.71
CA GLN A 263 7.28 7.19 -16.63
C GLN A 263 8.76 6.88 -16.48
N ASN A 264 9.53 7.32 -17.44
CA ASN A 264 10.95 7.14 -17.37
C ASN A 264 11.65 8.37 -16.83
N TYR A 265 11.01 9.07 -15.91
CA TYR A 265 11.61 10.25 -15.30
C TYR A 265 11.75 10.04 -13.79
N SER A 266 12.79 10.64 -13.23
CA SER A 266 13.04 10.63 -11.80
C SER A 266 12.65 11.97 -11.16
N TYR A 267 12.39 11.91 -9.86
CA TYR A 267 12.03 13.04 -9.01
C TYR A 267 13.25 13.19 -8.13
N GLY A 268 13.79 14.38 -8.02
CA GLY A 268 15.00 14.51 -7.24
C GLY A 268 14.80 14.62 -5.75
N GLY A 269 13.55 14.74 -5.31
CA GLY A 269 13.28 14.85 -3.90
C GLY A 269 12.37 13.79 -3.33
N VAL A 270 11.62 14.25 -2.36
CA VAL A 270 10.74 13.40 -1.64
C VAL A 270 9.44 14.05 -1.29
N ILE A 271 8.41 13.23 -1.31
CA ILE A 271 7.09 13.65 -0.89
C ILE A 271 6.84 13.01 0.46
N GLN A 272 6.68 13.84 1.50
CA GLN A 272 6.47 13.37 2.86
C GLN A 272 5.27 12.43 2.93
N ASP A 273 5.45 11.25 3.52
CA ASP A 273 4.40 10.23 3.57
C ASP A 273 4.85 9.17 4.57
N ASP A 274 4.03 8.11 4.74
CA ASP A 274 4.23 7.07 5.74
C ASP A 274 5.54 6.32 5.59
N HIS A 275 6.27 6.52 4.49
CA HIS A 275 7.50 5.79 4.28
C HIS A 275 8.69 6.47 4.95
N ILE A 276 8.61 7.80 5.16
CA ILE A 276 9.73 8.56 5.70
C ILE A 276 10.33 7.92 6.95
N PRO A 277 9.56 7.51 7.96
CA PRO A 277 10.15 6.83 9.12
C PRO A 277 10.91 5.58 8.78
N PHE A 278 10.50 4.85 7.75
CA PHE A 278 11.23 3.64 7.39
C PHE A 278 12.43 3.98 6.51
N LEU A 279 12.28 4.97 5.64
CA LEU A 279 13.34 5.38 4.72
C LEU A 279 14.58 5.88 5.48
N ARG A 280 14.35 6.64 6.56
CA ARG A 280 15.42 7.19 7.37
C ARG A 280 16.21 6.14 8.14
N ARG A 281 15.62 4.97 8.32
CA ARG A 281 16.28 3.84 8.96
C ARG A 281 16.79 2.84 7.95
N GLY A 282 16.69 3.15 6.65
CA GLY A 282 17.33 2.36 5.61
C GLY A 282 16.46 1.31 4.93
N VAL A 283 15.15 1.30 5.19
CA VAL A 283 14.25 0.38 4.47
C VAL A 283 14.14 0.82 3.02
N PRO A 284 14.24 -0.09 2.03
CA PRO A 284 14.02 0.32 0.65
C PRO A 284 12.53 0.50 0.37
N VAL A 285 12.25 1.55 -0.36
CA VAL A 285 10.92 1.92 -0.64
C VAL A 285 10.59 2.16 -2.07
N LEU A 286 9.48 1.58 -2.45
CA LEU A 286 8.85 1.88 -3.74
C LEU A 286 7.64 2.75 -3.43
N HIS A 287 7.74 4.04 -3.72
CA HIS A 287 6.68 4.97 -3.33
C HIS A 287 5.72 5.17 -4.51
N LEU A 288 4.59 4.47 -4.50
CA LEU A 288 3.63 4.53 -5.61
C LEU A 288 2.64 5.63 -5.31
N ILE A 289 3.13 6.85 -5.48
CA ILE A 289 2.32 8.06 -5.38
C ILE A 289 2.58 8.83 -6.67
N PRO A 290 1.57 9.42 -7.30
CA PRO A 290 1.81 10.19 -8.52
C PRO A 290 2.21 11.64 -8.26
N SER A 291 2.95 12.18 -9.22
CA SER A 291 3.30 13.60 -9.26
C SER A 291 3.03 14.13 -10.65
N PRO A 292 2.08 15.05 -10.80
CA PRO A 292 1.32 15.80 -9.80
C PRO A 292 0.24 14.98 -9.08
N PHE A 293 -0.25 15.55 -7.98
CA PHE A 293 -1.28 14.93 -7.21
C PHE A 293 -2.59 15.02 -7.98
N PRO A 294 -3.55 14.16 -7.67
CA PRO A 294 -4.86 14.30 -8.31
C PRO A 294 -5.39 15.72 -8.17
N GLU A 295 -6.15 16.16 -9.17
CA GLU A 295 -6.70 17.51 -9.16
C GLU A 295 -7.66 17.67 -7.99
N VAL A 296 -8.23 16.57 -7.49
CA VAL A 296 -9.20 16.68 -6.42
C VAL A 296 -8.52 16.55 -5.05
N TRP A 297 -7.18 16.57 -5.01
CA TRP A 297 -6.47 16.38 -3.76
C TRP A 297 -6.98 17.32 -2.67
N HIS A 298 -7.33 16.70 -1.53
CA HIS A 298 -7.80 17.39 -0.32
C HIS A 298 -8.93 18.34 -0.61
N THR A 299 -9.77 18.01 -1.61
CA THR A 299 -11.01 18.73 -1.82
C THR A 299 -12.16 17.81 -1.50
N MET A 300 -13.35 18.39 -1.33
CA MET A 300 -14.49 17.52 -1.17
C MET A 300 -14.79 16.72 -2.44
N ASP A 301 -14.12 17.02 -3.57
CA ASP A 301 -14.33 16.28 -4.81
C ASP A 301 -13.52 14.99 -4.92
N ASP A 302 -12.68 14.66 -3.93
CA ASP A 302 -11.91 13.41 -3.91
C ASP A 302 -12.85 12.31 -3.42
N ASN A 303 -13.81 12.01 -4.31
CA ASN A 303 -14.88 11.04 -4.08
C ASN A 303 -15.02 9.93 -5.11
N GLU A 304 -16.11 9.18 -5.06
CA GLU A 304 -16.27 8.02 -5.93
C GLU A 304 -16.47 8.45 -7.38
N GLU A 305 -17.19 9.56 -7.60
CA GLU A 305 -17.53 9.96 -8.95
C GLU A 305 -16.32 10.46 -9.72
N ASN A 306 -15.29 10.91 -9.03
CA ASN A 306 -14.13 11.38 -9.75
C ASN A 306 -13.06 10.33 -9.92
N LEU A 307 -13.36 9.11 -9.53
CA LEU A 307 -12.45 8.01 -9.74
C LEU A 307 -12.55 7.51 -11.18
N ASP A 308 -11.46 6.95 -11.68
CA ASP A 308 -11.44 6.33 -13.01
C ASP A 308 -11.33 4.81 -12.87
N GLU A 309 -12.40 4.13 -13.26
CA GLU A 309 -12.47 2.69 -13.09
C GLU A 309 -11.38 1.98 -13.87
N SER A 310 -11.08 2.44 -15.08
CA SER A 310 -10.12 1.71 -15.88
C SER A 310 -8.71 1.81 -15.30
N THR A 311 -8.36 2.98 -14.76
CA THR A 311 -6.99 3.20 -14.31
C THR A 311 -6.68 2.31 -13.11
N ILE A 312 -7.67 2.09 -12.27
CA ILE A 312 -7.50 1.26 -11.09
C ILE A 312 -7.42 -0.21 -11.48
N ASP A 313 -8.32 -0.65 -12.36
CA ASP A 313 -8.24 -1.99 -12.96
C ASP A 313 -6.83 -2.23 -13.54
N ASN A 314 -6.32 -1.32 -14.32
CA ASN A 314 -5.01 -1.55 -14.87
C ASN A 314 -3.92 -1.66 -13.82
N LEU A 315 -3.98 -0.84 -12.80
CA LEU A 315 -2.93 -0.83 -11.79
C LEU A 315 -3.05 -2.01 -10.86
N ASN A 316 -4.26 -2.52 -10.71
CA ASN A 316 -4.45 -3.72 -9.95
C ASN A 316 -3.68 -4.84 -10.62
N LYS A 317 -3.81 -4.96 -11.94
CA LYS A 317 -3.11 -6.00 -12.72
C LYS A 317 -1.60 -5.85 -12.66
N ILE A 318 -1.09 -4.64 -12.93
CA ILE A 318 0.35 -4.40 -12.80
C ILE A 318 0.85 -4.78 -11.39
N LEU A 319 0.10 -4.39 -10.35
CA LEU A 319 0.54 -4.63 -8.97
C LEU A 319 0.54 -6.12 -8.65
N GLN A 320 -0.56 -6.79 -8.95
CA GLN A 320 -0.65 -8.24 -8.75
C GLN A 320 0.46 -8.99 -9.48
N VAL A 321 0.76 -8.64 -10.73
CA VAL A 321 1.90 -9.26 -11.39
C VAL A 321 3.18 -8.99 -10.60
N PHE A 322 3.37 -7.73 -10.15
CA PHE A 322 4.62 -7.39 -9.48
C PHE A 322 4.80 -8.24 -8.23
N VAL A 323 3.71 -8.45 -7.46
CA VAL A 323 3.84 -9.15 -6.19
C VAL A 323 4.17 -10.63 -6.43
N LEU A 324 3.40 -11.30 -7.29
CA LEU A 324 3.75 -12.69 -7.66
C LEU A 324 5.18 -12.80 -8.18
N GLU A 325 5.65 -11.86 -8.99
CA GLU A 325 7.02 -11.98 -9.47
C GLU A 325 8.04 -11.81 -8.35
N TYR A 326 7.75 -10.91 -7.38
CA TYR A 326 8.64 -10.75 -6.23
C TYR A 326 8.65 -12.02 -5.37
N LEU A 327 7.47 -12.64 -5.18
CA LEU A 327 7.34 -13.80 -4.32
C LEU A 327 7.71 -15.10 -5.01
N HIS A 328 8.05 -15.07 -6.30
CA HIS A 328 8.30 -16.28 -7.09
C HIS A 328 7.09 -17.21 -7.05
N LEU A 329 5.89 -16.63 -7.17
CA LEU A 329 4.64 -17.39 -7.27
C LEU A 329 4.00 -17.26 -8.66
ZN ZN B . -4.10 13.49 2.20
C02 4Q8 C . -0.07 12.88 1.30
C07 4Q8 C . 1.14 14.58 2.70
C09 4Q8 C . 2.57 15.80 0.99
C10 4Q8 C . 2.92 16.94 0.29
C11 4Q8 C . 2.26 18.12 0.50
C12 4Q8 C . 1.22 18.18 1.43
C13 4Q8 C . 0.89 17.04 2.13
C01 4Q8 C . 1.08 12.22 0.54
C03 4Q8 C . -1.36 12.51 1.15
N04 4Q8 C . -2.13 13.25 1.96
C05 4Q8 C . -1.31 14.11 2.60
N06 4Q8 C . -0.04 13.86 2.19
C08 4Q8 C . 1.54 15.85 1.91
H071 4Q8 C . 1.89 13.97 2.69
H072 4Q8 C . 0.97 14.85 3.62
H091 4Q8 C . 3.03 15.01 0.84
H101 4Q8 C . 3.62 16.90 -0.32
H111 4Q8 C . 2.51 18.89 0.02
H121 4Q8 C . 0.78 18.98 1.58
H131 4Q8 C . 0.19 17.08 2.75
H013 4Q8 C . 0.87 12.21 -0.41
H012 4Q8 C . 1.21 11.32 0.86
H011 4Q8 C . 1.89 12.73 0.69
H031 4Q8 C . -1.66 11.85 0.59
H051 4Q8 C . -1.56 14.75 3.22
C CO2 D . -2.34 18.87 4.29
O1 CO2 D . -1.45 18.13 4.69
O2 CO2 D . -3.22 19.62 3.83
C1 GOL E . 4.12 20.21 3.97
O1 GOL E . 3.78 21.53 3.61
C2 GOL E . 4.58 19.46 2.73
O2 GOL E . 4.86 20.42 1.70
C3 GOL E . 5.75 18.52 3.05
O3 GOL E . 6.87 19.27 3.50
H11 GOL E . 4.92 20.23 4.71
H12 GOL E . 3.26 19.71 4.41
HO1 GOL E . 3.42 22.00 4.39
H2 GOL E . 3.75 18.84 2.40
HO2 GOL E . 5.61 20.98 1.96
H31 GOL E . 5.46 17.81 3.82
H32 GOL E . 6.03 17.96 2.16
HO3 GOL E . 7.62 18.66 3.68
#